data_4WHF
#
_entry.id   4WHF
#
_cell.length_a   74.378
_cell.length_b   76.440
_cell.length_c   128.664
_cell.angle_alpha   90.00
_cell.angle_beta   90.00
_cell.angle_gamma   90.00
#
_symmetry.space_group_name_H-M   'P 21 21 21'
#
loop_
_entity.id
_entity.type
_entity.pdbx_description
1 polymer 'Nuclear receptor subfamily 4 group A member 1'
2 non-polymer GLYCEROL
3 non-polymer 1-(3,4,5-trihydroxyphenyl)decan-1-one
4 water water
#
_entity_poly.entity_id   1
_entity_poly.type   'polypeptide(L)'
_entity_poly.pdbx_seq_one_letter_code
;MSKPKQPPDASPANLLTSLVRAHLDSGPSTAKLDYSKFQELVLPHFGKEDAGDVQQFYDLLSGSLEVIRKWAEKIPGFAE
LSPADQDLLLESAFLELFILRLAYRSKPGEGKLIFCSGLVLHRLQCARGFGDWIDSILAFSRSLHSLLVDVPAFACLSAL
VLITDRHGLQEPRRVEELQNRIASCLKEHVAAVAGEPQPASCLSRLLGKLPELRTLCTQGLQRIFYLKLEDLVPPPPIID
KIFMDTLPFLEHHHHHH
;
_entity_poly.pdbx_strand_id   B,A
#
loop_
_chem_comp.id
_chem_comp.type
_chem_comp.name
_chem_comp.formula
3MX non-polymer 1-(3,4,5-trihydroxyphenyl)decan-1-one 'C16 H24 O4'
GOL non-polymer GLYCEROL 'C3 H8 O3'
#
# COMPACT_ATOMS: atom_id res chain seq x y z
N PRO A 12 9.19 -35.54 -19.91
CA PRO A 12 10.37 -35.82 -19.13
C PRO A 12 11.48 -34.81 -19.34
N ALA A 13 12.00 -34.70 -20.54
CA ALA A 13 11.63 -35.60 -21.58
C ALA A 13 10.79 -34.89 -22.61
N ASN A 14 9.66 -35.52 -22.92
CA ASN A 14 8.61 -34.85 -23.60
C ASN A 14 7.95 -33.83 -22.68
N LEU A 15 8.15 -33.94 -21.38
CA LEU A 15 7.56 -32.96 -20.47
C LEU A 15 8.26 -31.65 -20.74
N LEU A 16 9.58 -31.67 -20.66
CA LEU A 16 10.36 -30.51 -21.00
C LEU A 16 9.91 -29.92 -22.34
N THR A 17 9.73 -30.75 -23.35
CA THR A 17 9.33 -30.25 -24.64
C THR A 17 7.94 -29.63 -24.61
N SER A 18 7.03 -30.23 -23.88
CA SER A 18 5.70 -29.73 -23.83
C SER A 18 5.73 -28.38 -23.15
N LEU A 19 6.60 -28.26 -22.17
CA LEU A 19 6.69 -27.04 -21.40
C LEU A 19 7.29 -25.95 -22.25
N VAL A 20 8.27 -26.26 -23.07
CA VAL A 20 8.92 -25.23 -23.85
C VAL A 20 7.91 -24.75 -24.89
N ARG A 21 7.24 -25.69 -25.51
CA ARG A 21 6.29 -25.37 -26.52
C ARG A 21 5.14 -24.49 -25.99
N ALA A 22 4.67 -24.79 -24.79
CA ALA A 22 3.61 -23.96 -24.21
C ALA A 22 4.11 -22.56 -23.97
N HIS A 23 5.31 -22.44 -23.42
CA HIS A 23 5.91 -21.14 -23.25
C HIS A 23 6.04 -20.34 -24.54
N LEU A 24 6.62 -20.90 -25.57
CA LEU A 24 6.86 -20.14 -26.79
C LEU A 24 5.54 -19.76 -27.49
N ASP A 25 4.51 -20.57 -27.33
CA ASP A 25 3.22 -20.28 -27.97
C ASP A 25 2.45 -19.23 -27.24
N SER A 26 2.86 -18.93 -26.02
CA SER A 26 2.14 -17.91 -25.21
C SER A 26 2.71 -16.49 -25.30
N GLY A 27 3.68 -16.27 -26.16
CA GLY A 27 4.23 -14.92 -26.27
C GLY A 27 4.31 -14.49 -27.72
N PRO A 28 4.78 -13.28 -27.98
CA PRO A 28 4.91 -12.87 -29.34
C PRO A 28 6.20 -13.32 -29.98
N SER A 29 6.14 -13.46 -31.30
CA SER A 29 7.29 -13.71 -32.14
C SER A 29 8.07 -12.42 -32.17
N THR A 30 9.39 -12.50 -32.31
CA THR A 30 10.19 -11.31 -32.55
C THR A 30 9.58 -10.51 -33.72
N ALA A 31 8.99 -11.21 -34.67
CA ALA A 31 8.39 -10.54 -35.79
C ALA A 31 7.10 -9.81 -35.44
N LYS A 32 6.42 -10.22 -34.38
CA LYS A 32 5.13 -9.60 -34.04
C LYS A 32 5.22 -8.53 -32.94
N LEU A 33 6.42 -8.01 -32.75
CA LEU A 33 6.60 -6.92 -31.82
C LEU A 33 6.04 -5.69 -32.48
N ASP A 34 5.35 -4.91 -31.67
CA ASP A 34 4.68 -3.70 -32.06
C ASP A 34 5.29 -2.48 -31.37
N TYR A 35 6.02 -1.70 -32.16
CA TYR A 35 6.64 -0.51 -31.71
C TYR A 35 5.88 0.73 -32.07
N SER A 36 4.72 0.61 -32.68
CA SER A 36 4.04 1.82 -33.16
C SER A 36 3.70 2.81 -32.02
N LYS A 37 3.67 2.37 -30.77
CA LYS A 37 3.30 3.28 -29.69
C LYS A 37 4.46 3.66 -28.79
N PHE A 38 5.62 3.06 -29.03
CA PHE A 38 6.80 3.23 -28.19
C PHE A 38 7.40 4.61 -28.37
N GLN A 39 7.65 5.25 -27.23
CA GLN A 39 8.17 6.61 -27.13
C GLN A 39 9.01 6.71 -25.86
N GLU A 40 10.30 6.99 -26.02
CA GLU A 40 11.13 7.12 -24.86
C GLU A 40 11.06 8.50 -24.24
N LEU A 41 10.43 9.45 -24.92
CA LEU A 41 10.37 10.81 -24.43
C LEU A 41 8.96 11.16 -24.07
N VAL A 42 8.72 11.68 -22.87
CA VAL A 42 7.33 11.89 -22.39
C VAL A 42 7.03 13.32 -21.95
N LEU A 43 5.95 13.90 -22.47
CA LEU A 43 5.71 15.31 -22.25
C LEU A 43 4.28 15.48 -21.78
N PRO A 44 4.03 16.24 -20.69
CA PRO A 44 4.99 17.08 -19.96
C PRO A 44 5.92 16.31 -19.04
N LYS A 48 0.65 13.49 -11.09
CA LYS A 48 0.53 12.05 -10.83
C LYS A 48 -0.68 11.45 -11.55
N GLU A 49 -0.79 10.13 -11.46
CA GLU A 49 -1.77 9.38 -12.26
C GLU A 49 -2.96 10.18 -12.80
N ASP A 50 -3.31 9.98 -14.07
CA ASP A 50 -4.60 10.45 -14.57
C ASP A 50 -5.34 9.22 -15.06
N ALA A 51 -6.53 9.39 -15.62
CA ALA A 51 -7.36 8.23 -15.94
C ALA A 51 -6.82 7.40 -17.10
N GLY A 52 -6.12 8.06 -18.01
CA GLY A 52 -5.52 7.37 -19.12
C GLY A 52 -4.43 6.41 -18.67
N ASP A 53 -3.60 6.83 -17.72
CA ASP A 53 -2.59 5.95 -17.13
C ASP A 53 -3.22 4.76 -16.40
N VAL A 54 -4.31 4.97 -15.69
CA VAL A 54 -4.89 3.91 -14.90
C VAL A 54 -5.58 2.87 -15.74
N GLN A 55 -6.28 3.30 -16.79
CA GLN A 55 -6.89 2.41 -17.75
C GLN A 55 -5.89 1.50 -18.50
N GLN A 56 -4.78 2.06 -18.94
CA GLN A 56 -3.73 1.28 -19.56
C GLN A 56 -3.10 0.27 -18.58
N PHE A 57 -2.91 0.65 -17.34
CA PHE A 57 -2.39 -0.29 -16.34
C PHE A 57 -3.34 -1.49 -16.29
N TYR A 58 -4.63 -1.25 -16.12
CA TYR A 58 -5.55 -2.35 -16.09
C TYR A 58 -5.62 -3.12 -17.42
N ASP A 59 -5.53 -2.43 -18.56
CA ASP A 59 -5.56 -3.10 -19.84
C ASP A 59 -4.34 -4.05 -20.03
N LEU A 60 -3.19 -3.66 -19.56
CA LEU A 60 -2.01 -4.49 -19.69
C LEU A 60 -2.10 -5.72 -18.83
N LEU A 61 -2.64 -5.56 -17.63
CA LEU A 61 -2.86 -6.66 -16.74
C LEU A 61 -3.86 -7.59 -17.35
N SER A 62 -4.95 -7.04 -17.88
CA SER A 62 -6.02 -7.86 -18.40
C SER A 62 -5.59 -8.68 -19.59
N GLY A 63 -4.77 -8.14 -20.45
CA GLY A 63 -4.29 -8.91 -21.61
C GLY A 63 -3.47 -10.16 -21.30
N SER A 64 -2.89 -10.25 -20.11
CA SER A 64 -2.19 -11.46 -19.75
C SER A 64 -3.10 -12.54 -19.26
N LEU A 65 -4.31 -12.25 -18.81
CA LEU A 65 -4.97 -13.36 -18.20
C LEU A 65 -5.50 -14.44 -19.08
N GLU A 66 -5.97 -14.13 -20.28
CA GLU A 66 -6.36 -15.17 -21.20
C GLU A 66 -5.13 -15.91 -21.70
N VAL A 67 -4.06 -15.18 -21.96
CA VAL A 67 -2.81 -15.77 -22.38
C VAL A 67 -2.27 -16.74 -21.33
N ILE A 68 -2.21 -16.32 -20.07
CA ILE A 68 -1.69 -17.18 -19.05
C ILE A 68 -2.63 -18.35 -18.79
N ARG A 69 -3.93 -18.18 -18.94
CA ARG A 69 -4.81 -19.30 -18.82
C ARG A 69 -4.59 -20.34 -19.94
N LYS A 70 -4.45 -19.91 -21.19
CA LYS A 70 -4.26 -20.85 -22.32
C LYS A 70 -2.92 -21.51 -22.19
N TRP A 71 -1.91 -20.80 -21.69
CA TRP A 71 -0.61 -21.41 -21.39
C TRP A 71 -0.71 -22.50 -20.35
N ALA A 72 -1.39 -22.25 -19.27
CA ALA A 72 -1.46 -23.24 -18.20
C ALA A 72 -2.13 -24.52 -18.67
N GLU A 73 -3.19 -24.40 -19.47
CA GLU A 73 -3.90 -25.56 -19.97
C GLU A 73 -3.03 -26.52 -20.75
N LYS A 74 -1.90 -26.04 -21.24
CA LYS A 74 -1.01 -26.86 -21.99
C LYS A 74 0.08 -27.44 -21.17
N ILE A 75 0.13 -27.16 -19.88
CA ILE A 75 1.13 -27.82 -19.04
C ILE A 75 0.60 -29.20 -18.76
N PRO A 76 1.34 -30.24 -19.10
CA PRO A 76 0.76 -31.58 -18.89
C PRO A 76 0.48 -31.84 -17.42
N GLY A 77 -0.71 -32.31 -17.13
CA GLY A 77 -1.12 -32.55 -15.79
C GLY A 77 -2.00 -31.48 -15.25
N PHE A 78 -1.94 -30.28 -15.79
CA PHE A 78 -2.65 -29.16 -15.16
C PHE A 78 -4.15 -29.29 -15.36
N ALA A 79 -4.56 -29.74 -16.52
CA ALA A 79 -5.98 -29.82 -16.79
C ALA A 79 -6.59 -31.02 -16.10
N GLU A 80 -5.79 -31.85 -15.49
CA GLU A 80 -6.34 -32.91 -14.69
C GLU A 80 -6.17 -32.73 -13.23
N LEU A 81 -5.94 -31.47 -12.83
CA LEU A 81 -6.20 -31.06 -11.48
C LEU A 81 -7.66 -30.73 -11.42
N SER A 82 -8.24 -30.66 -10.23
CA SER A 82 -9.67 -30.38 -10.21
C SER A 82 -9.94 -28.98 -10.81
N PRO A 83 -11.12 -28.76 -11.39
CA PRO A 83 -11.39 -27.40 -11.88
C PRO A 83 -11.25 -26.32 -10.81
N ALA A 84 -11.71 -26.53 -9.59
CA ALA A 84 -11.51 -25.50 -8.50
C ALA A 84 -10.02 -25.28 -8.15
N ASP A 85 -9.20 -26.27 -8.30
CA ASP A 85 -7.78 -26.11 -7.99
C ASP A 85 -7.04 -25.44 -9.14
N GLN A 86 -7.51 -25.67 -10.37
CA GLN A 86 -7.05 -24.94 -11.54
C GLN A 86 -7.25 -23.45 -11.38
N ASP A 87 -8.45 -23.08 -10.98
CA ASP A 87 -8.82 -21.68 -10.81
C ASP A 87 -8.09 -20.98 -9.68
N LEU A 88 -7.98 -21.65 -8.53
CA LEU A 88 -7.26 -21.16 -7.42
C LEU A 88 -5.78 -20.96 -7.77
N LEU A 89 -5.15 -21.91 -8.39
CA LEU A 89 -3.74 -21.79 -8.76
C LEU A 89 -3.51 -20.64 -9.71
N LEU A 90 -4.39 -20.48 -10.70
CA LEU A 90 -4.27 -19.41 -11.70
C LEU A 90 -4.46 -18.06 -11.08
N GLU A 91 -5.54 -17.93 -10.35
CA GLU A 91 -5.77 -16.72 -9.58
C GLU A 91 -4.62 -16.34 -8.65
N SER A 92 -4.10 -17.30 -7.89
CA SER A 92 -3.09 -16.97 -6.90
C SER A 92 -1.77 -16.57 -7.50
N ALA A 93 -1.49 -17.06 -8.69
CA ALA A 93 -0.21 -16.87 -9.32
C ALA A 93 -0.23 -15.80 -10.40
N PHE A 94 -1.39 -15.28 -10.75
CA PHE A 94 -1.44 -14.41 -11.91
C PHE A 94 -0.43 -13.29 -11.88
N LEU A 95 -0.37 -12.63 -10.76
CA LEU A 95 0.42 -11.46 -10.64
C LEU A 95 1.87 -11.82 -10.79
N GLU A 96 2.28 -12.84 -10.07
CA GLU A 96 3.63 -13.37 -10.17
C GLU A 96 4.03 -13.80 -11.57
N LEU A 97 3.07 -14.40 -12.26
CA LEU A 97 3.37 -14.87 -13.60
C LEU A 97 3.45 -13.71 -14.55
N PHE A 98 2.64 -12.70 -14.32
CA PHE A 98 2.66 -11.52 -15.16
C PHE A 98 4.04 -10.84 -15.01
N ILE A 99 4.53 -10.77 -13.79
CA ILE A 99 5.79 -10.11 -13.48
C ILE A 99 6.92 -10.91 -14.03
N LEU A 100 6.88 -12.22 -13.87
CA LEU A 100 8.04 -13.00 -14.21
C LEU A 100 8.21 -13.04 -15.71
N ARG A 101 7.11 -13.24 -16.41
CA ARG A 101 7.16 -13.30 -17.87
C ARG A 101 7.46 -11.96 -18.49
N LEU A 102 7.06 -10.88 -17.83
CA LEU A 102 7.37 -9.55 -18.26
C LEU A 102 8.84 -9.23 -18.05
N ALA A 103 9.39 -9.67 -16.93
CA ALA A 103 10.78 -9.43 -16.61
C ALA A 103 11.68 -10.15 -17.57
N TYR A 104 11.29 -11.36 -17.90
CA TYR A 104 12.05 -12.18 -18.80
C TYR A 104 11.96 -11.58 -20.19
N ARG A 105 10.75 -11.12 -20.57
CA ARG A 105 10.50 -10.68 -21.92
C ARG A 105 11.20 -9.35 -22.14
N SER A 106 11.27 -8.51 -21.14
CA SER A 106 11.65 -7.13 -21.34
C SER A 106 13.17 -6.92 -21.47
N LYS A 107 13.56 -5.69 -21.76
CA LYS A 107 15.02 -5.37 -21.88
C LYS A 107 15.37 -4.23 -20.97
N PRO A 108 15.72 -4.51 -19.72
CA PRO A 108 15.89 -3.44 -18.76
C PRO A 108 17.08 -2.53 -19.07
N GLY A 109 18.13 -3.01 -19.77
CA GLY A 109 19.23 -2.11 -20.12
C GLY A 109 18.72 -0.93 -20.93
N GLU A 110 17.60 -1.08 -21.64
CA GLU A 110 17.09 0.05 -22.40
C GLU A 110 15.81 0.61 -21.82
N GLY A 111 15.39 0.14 -20.64
CA GLY A 111 14.11 0.54 -20.09
C GLY A 111 12.90 0.16 -20.94
N LYS A 112 13.00 -0.95 -21.64
CA LYS A 112 11.98 -1.38 -22.56
C LYS A 112 11.12 -2.48 -22.00
N LEU A 113 9.81 -2.23 -21.80
CA LEU A 113 8.88 -3.30 -21.42
C LEU A 113 8.22 -3.93 -22.61
N ILE A 114 8.28 -5.23 -22.71
CA ILE A 114 7.59 -5.93 -23.78
C ILE A 114 6.42 -6.80 -23.24
N PHE A 115 5.20 -6.44 -23.57
CA PHE A 115 4.05 -7.15 -23.03
C PHE A 115 3.67 -8.37 -23.88
N CYS A 116 2.82 -9.26 -23.35
CA CYS A 116 2.58 -10.51 -24.05
C CYS A 116 1.83 -10.31 -25.36
N SER A 117 1.21 -9.18 -25.57
CA SER A 117 0.58 -8.96 -26.88
C SER A 117 1.59 -8.58 -27.96
N GLY A 118 2.85 -8.31 -27.59
CA GLY A 118 3.81 -7.77 -28.54
C GLY A 118 3.98 -6.28 -28.39
N LEU A 119 3.10 -5.62 -27.64
CA LEU A 119 3.28 -4.21 -27.41
C LEU A 119 4.59 -3.87 -26.68
N VAL A 120 5.32 -2.89 -27.20
CA VAL A 120 6.54 -2.37 -26.55
C VAL A 120 6.35 -0.96 -25.99
N LEU A 121 6.60 -0.77 -24.71
CA LEU A 121 6.50 0.56 -24.12
C LEU A 121 7.76 0.86 -23.39
N HIS A 122 8.06 2.15 -23.21
CA HIS A 122 9.19 2.55 -22.41
C HIS A 122 8.80 2.68 -20.96
N ARG A 123 9.77 2.45 -20.09
CA ARG A 123 9.55 2.55 -18.66
C ARG A 123 8.79 3.81 -18.28
N LEU A 124 9.17 4.94 -18.82
CA LEU A 124 8.42 6.11 -18.41
C LEU A 124 7.11 6.33 -19.11
N GLN A 125 6.73 5.45 -20.02
CA GLN A 125 5.35 5.49 -20.54
C GLN A 125 4.45 4.73 -19.55
N CYS A 126 5.06 3.95 -18.67
CA CYS A 126 4.30 3.10 -17.78
C CYS A 126 4.34 3.60 -16.36
N ALA A 127 5.30 4.45 -16.03
CA ALA A 127 5.56 4.87 -14.67
C ALA A 127 4.33 5.41 -13.97
N ARG A 128 3.58 6.25 -14.66
CA ARG A 128 2.43 6.84 -14.04
C ARG A 128 1.40 5.80 -13.60
N GLY A 129 1.09 4.84 -14.45
CA GLY A 129 0.12 3.84 -14.09
C GLY A 129 0.58 2.85 -13.04
N PHE A 130 1.81 2.40 -13.16
CA PHE A 130 2.33 1.34 -12.32
C PHE A 130 2.90 1.84 -11.04
N GLY A 131 3.32 3.10 -11.00
CA GLY A 131 4.09 3.64 -9.87
C GLY A 131 5.44 2.99 -9.75
N ASP A 132 5.98 2.95 -8.53
CA ASP A 132 7.34 2.37 -8.30
C ASP A 132 7.51 0.92 -8.69
N TRP A 133 6.40 0.21 -8.71
CA TRP A 133 6.42 -1.22 -8.98
C TRP A 133 7.18 -1.50 -10.28
N ILE A 134 6.98 -0.68 -11.31
CA ILE A 134 7.61 -0.95 -12.61
C ILE A 134 9.12 -0.83 -12.54
N ASP A 135 9.63 0.04 -11.68
CA ASP A 135 11.06 0.04 -11.41
C ASP A 135 11.52 -1.20 -10.70
N SER A 136 10.74 -1.68 -9.74
CA SER A 136 11.14 -2.89 -9.04
C SER A 136 11.06 -4.10 -9.98
N ILE A 137 10.14 -4.05 -10.91
CA ILE A 137 10.03 -5.11 -11.89
C ILE A 137 11.27 -5.04 -12.76
N LEU A 138 11.67 -3.84 -13.14
CA LEU A 138 12.87 -3.69 -13.96
C LEU A 138 14.13 -4.12 -13.21
N ALA A 139 14.22 -3.84 -11.94
CA ALA A 139 15.34 -4.35 -11.17
C ALA A 139 15.40 -5.87 -11.17
N PHE A 140 14.25 -6.53 -11.01
CA PHE A 140 14.15 -8.00 -11.03
C PHE A 140 14.51 -8.52 -12.37
N SER A 141 14.05 -7.85 -13.41
CA SER A 141 14.39 -8.28 -14.74
C SER A 141 15.91 -8.24 -14.97
N ARG A 142 16.59 -7.22 -14.55
CA ARG A 142 18.04 -7.24 -14.80
C ARG A 142 18.70 -8.30 -13.97
N SER A 143 18.19 -8.54 -12.78
CA SER A 143 18.73 -9.62 -12.00
C SER A 143 18.48 -10.96 -12.70
N LEU A 144 17.29 -11.14 -13.24
CA LEU A 144 16.94 -12.42 -13.86
C LEU A 144 17.82 -12.65 -15.07
N HIS A 145 18.02 -11.63 -15.85
CA HIS A 145 18.90 -11.67 -17.02
C HIS A 145 20.34 -11.97 -16.69
N SER A 146 20.81 -11.55 -15.53
CA SER A 146 22.21 -11.84 -15.19
C SER A 146 22.42 -13.30 -15.00
N LEU A 147 21.39 -14.05 -14.64
CA LEU A 147 21.73 -15.41 -14.48
C LEU A 147 21.52 -16.22 -15.74
N LEU A 148 21.16 -15.54 -16.83
CA LEU A 148 21.12 -16.15 -18.11
C LEU A 148 20.36 -17.44 -17.96
N VAL A 149 19.06 -17.34 -17.77
CA VAL A 149 18.23 -18.52 -17.71
C VAL A 149 17.81 -18.83 -19.10
N ASP A 150 18.11 -20.04 -19.58
CA ASP A 150 17.75 -20.41 -20.93
C ASP A 150 16.27 -20.77 -20.99
N VAL A 151 15.73 -20.86 -22.20
CA VAL A 151 14.31 -21.01 -22.39
C VAL A 151 13.73 -22.26 -21.72
N PRO A 152 14.39 -23.40 -21.84
CA PRO A 152 13.84 -24.55 -21.14
C PRO A 152 13.77 -24.40 -19.64
N ALA A 153 14.77 -23.77 -19.04
CA ALA A 153 14.76 -23.61 -17.60
C ALA A 153 13.64 -22.68 -17.22
N PHE A 154 13.52 -21.58 -17.94
CA PHE A 154 12.43 -20.65 -17.70
C PHE A 154 11.03 -21.31 -17.84
N ALA A 155 10.90 -22.25 -18.77
CA ALA A 155 9.63 -22.85 -19.08
C ALA A 155 9.24 -23.71 -17.90
N CYS A 156 10.23 -24.29 -17.21
CA CYS A 156 9.96 -25.03 -15.99
C CYS A 156 9.67 -24.10 -14.80
N LEU A 157 10.50 -23.08 -14.59
CA LEU A 157 10.34 -22.11 -13.52
C LEU A 157 8.98 -21.44 -13.48
N SER A 158 8.54 -20.98 -14.62
CA SER A 158 7.24 -20.44 -14.86
C SER A 158 6.15 -21.31 -14.33
N ALA A 159 6.15 -22.52 -14.80
CA ALA A 159 5.20 -23.50 -14.38
C ALA A 159 5.27 -23.78 -12.89
N LEU A 160 6.44 -23.68 -12.27
CA LEU A 160 6.54 -23.97 -10.84
C LEU A 160 5.94 -22.84 -10.02
N VAL A 161 5.92 -21.65 -10.59
CA VAL A 161 5.23 -20.55 -9.97
C VAL A 161 3.72 -20.82 -9.95
N LEU A 162 3.23 -21.45 -11.00
CA LEU A 162 1.79 -21.72 -11.08
C LEU A 162 1.44 -22.93 -10.19
N ILE A 163 2.21 -23.99 -10.31
CA ILE A 163 1.90 -25.22 -9.69
C ILE A 163 2.68 -25.36 -8.37
N THR A 164 2.03 -24.88 -7.32
CA THR A 164 2.63 -24.76 -6.02
C THR A 164 1.51 -24.77 -4.98
N ASP A 165 1.87 -25.05 -3.74
CA ASP A 165 0.89 -25.10 -2.70
C ASP A 165 0.18 -23.76 -2.49
N ARG A 166 -1.12 -23.81 -2.30
CA ARG A 166 -1.92 -22.67 -1.91
C ARG A 166 -2.95 -23.14 -0.91
N HIS A 167 -3.38 -22.22 -0.05
CA HIS A 167 -4.38 -22.52 0.91
C HIS A 167 -5.67 -22.77 0.13
N GLY A 168 -6.44 -23.78 0.56
CA GLY A 168 -7.73 -24.02 -0.09
C GLY A 168 -7.69 -24.99 -1.26
N LEU A 169 -6.55 -25.60 -1.52
CA LEU A 169 -6.49 -26.65 -2.55
C LEU A 169 -7.28 -27.88 -2.17
N GLN A 170 -7.99 -28.49 -3.13
CA GLN A 170 -8.76 -29.67 -2.81
C GLN A 170 -7.83 -30.86 -2.80
N GLU A 171 -6.88 -30.88 -3.70
CA GLU A 171 -5.95 -31.97 -3.76
C GLU A 171 -4.50 -31.52 -3.71
N PRO A 172 -4.10 -31.03 -2.56
CA PRO A 172 -2.72 -30.51 -2.40
C PRO A 172 -1.63 -31.52 -2.76
N ARG A 173 -1.81 -32.79 -2.48
CA ARG A 173 -0.82 -33.76 -2.92
C ARG A 173 -0.68 -33.92 -4.43
N ARG A 174 -1.79 -33.84 -5.16
CA ARG A 174 -1.69 -34.00 -6.62
C ARG A 174 -0.98 -32.78 -7.19
N VAL A 175 -1.16 -31.62 -6.56
CA VAL A 175 -0.45 -30.45 -6.99
C VAL A 175 1.05 -30.63 -6.70
N GLU A 176 1.38 -31.14 -5.51
CA GLU A 176 2.72 -31.46 -5.12
C GLU A 176 3.38 -32.46 -6.01
N GLU A 177 2.63 -33.46 -6.46
CA GLU A 177 3.18 -34.44 -7.40
C GLU A 177 3.57 -33.80 -8.73
N LEU A 178 2.68 -32.97 -9.28
CA LEU A 178 2.96 -32.34 -10.55
C LEU A 178 4.13 -31.34 -10.44
N GLN A 179 4.21 -30.64 -9.31
CA GLN A 179 5.32 -29.79 -9.00
C GLN A 179 6.60 -30.58 -8.97
N ASN A 180 6.61 -31.70 -8.27
CA ASN A 180 7.85 -32.46 -8.20
C ASN A 180 8.24 -32.94 -9.58
N ARG A 181 7.26 -33.34 -10.39
CA ARG A 181 7.56 -33.72 -11.77
C ARG A 181 8.22 -32.57 -12.50
N ILE A 182 7.78 -31.34 -12.26
CA ILE A 182 8.35 -30.28 -13.00
C ILE A 182 9.71 -29.89 -12.42
N ALA A 183 9.86 -29.94 -11.11
CA ALA A 183 11.15 -29.70 -10.50
C ALA A 183 12.16 -30.74 -10.98
N SER A 184 11.72 -31.98 -11.04
CA SER A 184 12.57 -33.04 -11.49
C SER A 184 13.11 -32.76 -12.89
N CYS A 185 12.18 -32.42 -13.78
CA CYS A 185 12.46 -32.08 -15.14
C CYS A 185 13.43 -30.93 -15.23
N LEU A 186 13.25 -29.93 -14.38
CA LEU A 186 14.13 -28.79 -14.41
C LEU A 186 15.54 -29.20 -13.96
N LYS A 187 15.62 -29.87 -12.81
CA LYS A 187 16.88 -30.25 -12.23
C LYS A 187 17.74 -30.95 -13.26
N GLU A 188 17.14 -31.88 -13.97
CA GLU A 188 17.86 -32.67 -14.93
C GLU A 188 18.34 -31.80 -16.06
N HIS A 189 17.46 -31.00 -16.61
CA HIS A 189 17.87 -30.18 -17.70
C HIS A 189 19.10 -29.35 -17.29
N VAL A 190 19.06 -28.73 -16.12
CA VAL A 190 20.19 -27.96 -15.66
C VAL A 190 21.45 -28.80 -15.60
N ALA A 191 21.31 -30.08 -15.32
CA ALA A 191 22.47 -30.95 -15.29
C ALA A 191 22.89 -31.28 -16.71
N ALA A 192 21.93 -31.64 -17.53
CA ALA A 192 22.23 -32.00 -18.91
C ALA A 192 23.01 -30.89 -19.58
N VAL A 193 22.90 -29.68 -19.05
CA VAL A 193 23.65 -28.55 -19.58
C VAL A 193 24.84 -28.23 -18.68
N ALA A 200 22.91 -27.99 -8.20
CA ALA A 200 21.95 -27.05 -7.66
C ALA A 200 22.68 -25.90 -7.02
N SER A 201 23.85 -25.60 -7.59
CA SER A 201 24.53 -24.37 -7.29
C SER A 201 23.72 -23.33 -8.04
N CYS A 202 23.73 -23.45 -9.36
CA CYS A 202 23.11 -22.45 -10.15
C CYS A 202 21.60 -22.76 -10.25
N LEU A 203 21.20 -23.93 -9.74
CA LEU A 203 19.77 -24.26 -9.56
C LEU A 203 19.16 -23.49 -8.39
N SER A 204 19.73 -23.63 -7.20
CA SER A 204 19.17 -22.94 -6.04
C SER A 204 19.29 -21.42 -6.20
N ARG A 205 20.12 -20.98 -7.13
CA ARG A 205 20.22 -19.57 -7.50
C ARG A 205 18.97 -19.18 -8.30
N LEU A 206 18.57 -20.11 -9.14
CA LEU A 206 17.36 -20.04 -9.90
C LEU A 206 16.14 -20.00 -9.02
N LEU A 207 16.03 -21.00 -8.17
CA LEU A 207 14.90 -21.11 -7.28
C LEU A 207 14.86 -19.96 -6.29
N GLY A 208 16.01 -19.35 -6.08
CA GLY A 208 16.11 -18.16 -5.28
C GLY A 208 15.34 -17.00 -5.86
N LYS A 209 14.95 -17.08 -7.13
CA LYS A 209 14.15 -16.01 -7.66
C LYS A 209 12.71 -16.08 -7.19
N LEU A 210 12.19 -17.26 -6.84
CA LEU A 210 10.76 -17.35 -6.49
C LEU A 210 10.34 -16.51 -5.24
N PRO A 211 11.10 -16.57 -4.15
CA PRO A 211 10.67 -15.72 -3.05
C PRO A 211 10.65 -14.27 -3.39
N GLU A 212 11.59 -13.79 -4.20
CA GLU A 212 11.60 -12.38 -4.62
C GLU A 212 10.38 -12.02 -5.46
N LEU A 213 9.98 -12.93 -6.31
CA LEU A 213 8.79 -12.74 -7.10
C LEU A 213 7.54 -12.58 -6.19
N ARG A 214 7.50 -13.31 -5.08
CA ARG A 214 6.39 -13.15 -4.17
C ARG A 214 6.30 -11.74 -3.66
N THR A 215 7.45 -11.24 -3.23
CA THR A 215 7.58 -9.91 -2.71
C THR A 215 7.10 -8.93 -3.78
N LEU A 216 7.42 -9.18 -5.06
CA LEU A 216 6.94 -8.31 -6.14
C LEU A 216 5.44 -8.42 -6.33
N CYS A 217 4.86 -9.60 -6.14
CA CYS A 217 3.41 -9.73 -6.18
C CYS A 217 2.79 -8.80 -5.13
N THR A 218 3.35 -8.76 -3.94
CA THR A 218 2.86 -7.83 -2.89
C THR A 218 2.84 -6.40 -3.31
N GLN A 219 3.94 -5.90 -3.92
CA GLN A 219 3.98 -4.52 -4.43
C GLN A 219 2.89 -4.27 -5.44
N GLY A 220 2.60 -5.28 -6.25
CA GLY A 220 1.48 -5.20 -7.15
C GLY A 220 0.16 -5.10 -6.43
N LEU A 221 -0.03 -5.83 -5.36
CA LEU A 221 -1.33 -5.72 -4.67
C LEU A 221 -1.43 -4.31 -4.03
N GLN A 222 -0.27 -3.80 -3.58
CA GLN A 222 -0.23 -2.49 -2.96
C GLN A 222 -0.60 -1.46 -3.97
N ARG A 223 -0.15 -1.63 -5.20
CA ARG A 223 -0.53 -0.66 -6.23
C ARG A 223 -2.02 -0.74 -6.54
N ILE A 224 -2.57 -1.92 -6.69
CA ILE A 224 -4.02 -2.00 -6.97
C ILE A 224 -4.83 -1.41 -5.81
N PHE A 225 -4.44 -1.69 -4.57
CA PHE A 225 -5.13 -1.08 -3.47
C PHE A 225 -5.15 0.43 -3.60
N TYR A 226 -4.00 1.05 -3.82
CA TYR A 226 -3.90 2.47 -3.94
C TYR A 226 -4.78 3.01 -5.05
N LEU A 227 -4.84 2.31 -6.16
CA LEU A 227 -5.67 2.77 -7.25
C LEU A 227 -7.10 2.55 -6.93
N LYS A 228 -7.44 1.53 -6.17
CA LYS A 228 -8.85 1.36 -5.84
C LYS A 228 -9.22 2.46 -4.89
N LEU A 229 -8.28 2.86 -4.05
CA LEU A 229 -8.51 3.99 -3.16
C LEU A 229 -8.74 5.22 -3.96
N GLU A 230 -7.81 5.48 -4.87
CA GLU A 230 -7.83 6.65 -5.67
C GLU A 230 -9.16 6.68 -6.43
N ASP A 231 -9.50 5.56 -7.06
CA ASP A 231 -10.75 5.40 -7.75
C ASP A 231 -11.00 6.36 -8.90
N LEU A 232 -9.96 6.66 -9.66
CA LEU A 232 -10.17 7.34 -10.93
C LEU A 232 -10.94 6.44 -11.88
N VAL A 233 -10.40 5.24 -12.07
CA VAL A 233 -10.92 4.23 -12.99
C VAL A 233 -11.04 2.95 -12.20
N PRO A 234 -12.19 2.28 -12.29
CA PRO A 234 -12.31 1.05 -11.50
C PRO A 234 -11.59 -0.10 -12.15
N PRO A 235 -11.20 -1.08 -11.36
CA PRO A 235 -10.55 -2.19 -11.99
C PRO A 235 -11.60 -3.05 -12.68
N PRO A 236 -11.23 -3.76 -13.72
CA PRO A 236 -12.14 -4.65 -14.36
C PRO A 236 -12.44 -5.86 -13.45
N PRO A 237 -13.64 -6.36 -13.52
CA PRO A 237 -14.14 -7.31 -12.57
C PRO A 237 -13.19 -8.43 -12.24
N ILE A 238 -12.55 -9.01 -13.24
CA ILE A 238 -11.73 -10.17 -12.96
C ILE A 238 -10.39 -9.81 -12.30
N ILE A 239 -9.86 -8.64 -12.56
CA ILE A 239 -8.69 -8.22 -11.85
C ILE A 239 -9.11 -7.98 -10.41
N ASP A 240 -10.27 -7.36 -10.23
CA ASP A 240 -10.78 -7.06 -8.89
C ASP A 240 -10.97 -8.33 -8.03
N LYS A 241 -11.45 -9.39 -8.66
CA LYS A 241 -11.66 -10.66 -8.01
C LYS A 241 -10.37 -11.28 -7.55
N ILE A 242 -9.38 -11.21 -8.43
CA ILE A 242 -8.08 -11.72 -8.09
C ILE A 242 -7.51 -10.97 -6.89
N PHE A 243 -7.64 -9.65 -6.92
CA PHE A 243 -7.25 -8.82 -5.78
C PHE A 243 -7.98 -9.25 -4.52
N MET A 244 -9.30 -9.31 -4.57
CA MET A 244 -10.08 -9.64 -3.39
C MET A 244 -9.82 -11.06 -2.91
N ASP A 245 -9.67 -12.01 -3.84
CA ASP A 245 -9.45 -13.42 -3.44
C ASP A 245 -8.09 -13.65 -2.95
N THR A 246 -7.17 -12.79 -3.30
CA THR A 246 -5.80 -13.02 -2.86
C THR A 246 -5.44 -12.24 -1.60
N LEU A 247 -6.37 -11.46 -1.07
CA LEU A 247 -6.09 -10.86 0.22
C LEU A 247 -6.33 -11.85 1.36
N PRO A 248 -5.28 -12.26 2.05
CA PRO A 248 -5.47 -13.26 3.09
C PRO A 248 -5.91 -12.58 4.38
N PHE A 249 -7.10 -12.01 4.34
CA PHE A 249 -7.71 -11.39 5.49
C PHE A 249 -9.01 -10.75 4.98
N ALA B 13 -13.42 33.51 24.57
CA ALA B 13 -14.82 32.96 24.61
C ALA B 13 -14.92 31.86 25.66
N ASN B 14 -16.15 31.53 26.05
CA ASN B 14 -16.34 30.36 26.84
C ASN B 14 -15.91 29.11 26.06
N LEU B 15 -16.30 29.08 24.81
CA LEU B 15 -16.09 27.90 23.95
C LEU B 15 -14.61 27.79 23.68
N LEU B 16 -14.00 28.87 23.22
CA LEU B 16 -12.58 28.88 22.96
C LEU B 16 -11.83 28.34 24.16
N THR B 17 -12.24 28.71 25.35
CA THR B 17 -11.52 28.27 26.54
C THR B 17 -11.69 26.78 26.73
N SER B 18 -12.86 26.27 26.43
CA SER B 18 -13.09 24.86 26.58
C SER B 18 -12.30 24.07 25.56
N LEU B 19 -12.16 24.62 24.39
CA LEU B 19 -11.43 23.99 23.31
C LEU B 19 -9.94 24.01 23.60
N VAL B 20 -9.43 25.08 24.16
CA VAL B 20 -8.00 25.16 24.41
C VAL B 20 -7.69 24.16 25.49
N ARG B 21 -8.55 24.12 26.49
CA ARG B 21 -8.41 23.23 27.63
C ARG B 21 -8.41 21.78 27.18
N ALA B 22 -9.37 21.43 26.35
CA ALA B 22 -9.42 20.05 25.89
C ALA B 22 -8.15 19.70 25.13
N HIS B 23 -7.72 20.59 24.27
CA HIS B 23 -6.48 20.41 23.58
C HIS B 23 -5.29 20.20 24.53
N LEU B 24 -5.06 21.08 25.48
CA LEU B 24 -3.85 20.97 26.28
C LEU B 24 -3.86 19.77 27.23
N ASP B 25 -5.06 19.30 27.61
CA ASP B 25 -5.17 18.12 28.41
C ASP B 25 -4.97 16.85 27.62
N SER B 26 -5.07 16.92 26.30
CA SER B 26 -4.94 15.70 25.49
C SER B 26 -3.52 15.46 25.00
N GLY B 27 -2.55 16.26 25.42
CA GLY B 27 -1.19 16.07 24.98
C GLY B 27 -0.32 16.15 26.21
N PRO B 28 0.96 15.94 26.06
CA PRO B 28 1.81 16.00 27.22
C PRO B 28 2.33 17.38 27.42
N SER B 29 2.65 17.66 28.67
CA SER B 29 3.35 18.86 29.06
C SER B 29 4.83 18.62 28.89
N THR B 30 5.58 19.69 28.68
CA THR B 30 7.00 19.56 28.53
C THR B 30 7.67 18.75 29.64
N ALA B 31 7.14 18.88 30.85
CA ALA B 31 7.59 18.03 31.93
C ALA B 31 7.23 16.56 31.62
N LYS B 32 6.04 16.33 31.08
CA LYS B 32 5.52 14.98 30.78
C LYS B 32 6.14 14.24 29.57
N LEU B 33 7.31 14.69 29.13
CA LEU B 33 7.95 14.01 28.02
C LEU B 33 8.79 12.86 28.51
N ASP B 34 8.58 11.75 27.83
CA ASP B 34 9.11 10.47 28.23
C ASP B 34 10.22 10.10 27.25
N TYR B 35 11.45 10.21 27.74
CA TYR B 35 12.60 9.95 26.93
C TYR B 35 13.19 8.57 27.14
N SER B 36 12.43 7.69 27.80
CA SER B 36 12.96 6.38 28.24
C SER B 36 13.10 5.34 27.13
N LYS B 37 12.46 5.58 25.98
CA LYS B 37 12.74 4.72 24.86
C LYS B 37 13.54 5.44 23.76
N PHE B 38 13.80 6.73 23.92
CA PHE B 38 14.43 7.52 22.88
C PHE B 38 15.89 7.16 22.66
N GLN B 39 16.25 7.02 21.40
CA GLN B 39 17.64 6.85 21.05
C GLN B 39 17.96 7.72 19.87
N GLU B 40 19.00 8.53 20.02
CA GLU B 40 19.42 9.53 19.04
C GLU B 40 19.84 8.88 17.78
N LEU B 41 20.37 7.70 17.92
CA LEU B 41 20.85 7.03 16.76
C LEU B 41 20.58 5.57 16.87
N VAL B 42 19.81 5.06 15.93
CA VAL B 42 19.57 3.63 15.87
C VAL B 42 19.95 3.17 14.47
N LEU B 43 20.41 1.93 14.32
CA LEU B 43 20.85 1.45 13.01
C LEU B 43 19.91 0.41 12.49
N PRO B 44 18.92 0.81 11.70
CA PRO B 44 17.93 -0.17 11.31
C PRO B 44 18.15 -0.83 9.96
N HIS B 45 17.40 -1.88 9.74
CA HIS B 45 17.42 -2.54 8.48
C HIS B 45 16.22 -1.96 7.76
N PHE B 46 16.47 -1.02 6.86
CA PHE B 46 15.36 -0.31 6.20
C PHE B 46 14.57 -1.20 5.26
N GLY B 47 13.25 -1.01 5.22
CA GLY B 47 12.42 -1.62 4.19
C GLY B 47 11.79 -2.91 4.67
N LYS B 48 12.03 -3.24 5.92
CA LYS B 48 11.43 -4.38 6.56
C LYS B 48 11.08 -4.09 7.99
N GLU B 49 10.40 -5.05 8.62
CA GLU B 49 9.80 -4.94 9.94
C GLU B 49 9.93 -6.24 10.70
N ASP B 50 9.89 -6.19 12.00
CA ASP B 50 9.71 -7.40 12.82
C ASP B 50 8.46 -7.18 13.70
N ALA B 51 8.05 -8.17 14.47
CA ALA B 51 6.77 -8.02 15.17
C ALA B 51 6.76 -6.95 16.26
N GLY B 52 7.92 -6.65 16.83
CA GLY B 52 7.98 -5.58 17.80
C GLY B 52 7.69 -4.26 17.14
N ASP B 53 8.26 -4.00 15.97
CA ASP B 53 8.02 -2.77 15.29
C ASP B 53 6.55 -2.64 14.96
N VAL B 54 5.95 -3.71 14.47
CA VAL B 54 4.57 -3.66 14.07
C VAL B 54 3.61 -3.46 15.25
N GLN B 55 3.85 -4.11 16.38
CA GLN B 55 2.98 -3.98 17.55
C GLN B 55 3.03 -2.59 18.12
N GLN B 56 4.23 -2.03 18.20
CA GLN B 56 4.37 -0.64 18.63
C GLN B 56 3.71 0.36 17.67
N PHE B 57 3.79 0.14 16.37
CA PHE B 57 3.04 0.96 15.41
C PHE B 57 1.54 0.93 15.77
N TYR B 58 0.98 -0.27 15.93
CA TYR B 58 -0.44 -0.37 16.32
C TYR B 58 -0.74 0.20 17.68
N ASP B 59 0.15 0.03 18.66
CA ASP B 59 -0.06 0.56 19.97
C ASP B 59 -0.10 2.09 19.96
N LEU B 60 0.77 2.71 19.20
CA LEU B 60 0.77 4.14 19.08
C LEU B 60 -0.53 4.61 18.46
N LEU B 61 -0.97 3.97 17.41
CA LEU B 61 -2.22 4.34 16.75
C LEU B 61 -3.39 4.16 17.73
N SER B 62 -3.35 3.12 18.55
CA SER B 62 -4.44 2.82 19.52
C SER B 62 -4.46 3.76 20.68
N GLY B 63 -3.30 4.09 21.19
CA GLY B 63 -3.21 5.03 22.31
C GLY B 63 -3.63 6.42 21.93
N SER B 64 -3.34 6.82 20.71
CA SER B 64 -3.76 8.11 20.23
C SER B 64 -5.25 8.15 19.95
N LEU B 65 -5.83 7.09 19.46
CA LEU B 65 -7.33 7.08 19.32
C LEU B 65 -8.04 7.21 20.63
N GLU B 66 -7.52 6.61 21.70
CA GLU B 66 -8.10 6.70 23.03
C GLU B 66 -8.01 8.08 23.61
N VAL B 67 -6.87 8.71 23.43
CA VAL B 67 -6.69 10.08 23.76
C VAL B 67 -7.57 10.96 22.87
N ILE B 68 -7.66 10.70 21.58
CA ILE B 68 -8.50 11.56 20.77
C ILE B 68 -9.97 11.43 21.19
N ARG B 69 -10.41 10.27 21.62
CA ARG B 69 -11.75 10.12 22.13
C ARG B 69 -12.02 11.01 23.34
N LYS B 70 -11.10 11.03 24.29
CA LYS B 70 -11.31 11.79 25.52
C LYS B 70 -11.32 13.24 25.24
N TRP B 71 -10.46 13.67 24.34
CA TRP B 71 -10.46 15.03 23.83
C TRP B 71 -11.81 15.40 23.18
N ALA B 72 -12.32 14.55 22.34
CA ALA B 72 -13.58 14.88 21.67
C ALA B 72 -14.71 15.03 22.66
N GLU B 73 -14.74 14.21 23.71
CA GLU B 73 -15.81 14.25 24.71
C GLU B 73 -15.84 15.56 25.51
N LYS B 74 -14.76 16.31 25.48
CA LYS B 74 -14.71 17.62 26.10
C LYS B 74 -15.05 18.75 25.12
N ILE B 75 -15.29 18.50 23.86
CA ILE B 75 -15.68 19.60 22.98
C ILE B 75 -17.15 19.85 23.25
N PRO B 76 -17.51 21.02 23.74
CA PRO B 76 -18.93 21.21 24.09
C PRO B 76 -19.88 20.92 22.95
N GLY B 77 -20.91 20.13 23.22
CA GLY B 77 -21.87 19.72 22.25
C GLY B 77 -21.62 18.31 21.76
N PHE B 78 -20.38 17.85 21.77
CA PHE B 78 -20.05 16.61 21.06
C PHE B 78 -20.65 15.40 21.78
N ALA B 79 -20.60 15.38 23.11
CA ALA B 79 -20.99 14.19 23.83
C ALA B 79 -22.50 14.06 23.85
N GLU B 80 -23.18 15.01 23.21
CA GLU B 80 -24.59 15.02 23.21
C GLU B 80 -25.03 14.64 21.82
N LEU B 81 -24.10 14.42 20.93
CA LEU B 81 -24.48 13.87 19.60
C LEU B 81 -24.89 12.39 19.76
N SER B 82 -25.60 11.80 18.79
CA SER B 82 -26.00 10.39 18.95
C SER B 82 -24.75 9.51 19.05
N PRO B 83 -24.83 8.36 19.71
CA PRO B 83 -23.61 7.55 19.86
C PRO B 83 -23.08 7.16 18.51
N ALA B 84 -23.97 6.79 17.58
CA ALA B 84 -23.52 6.43 16.27
C ALA B 84 -22.76 7.57 15.58
N ASP B 85 -23.13 8.81 15.86
CA ASP B 85 -22.58 9.92 15.14
C ASP B 85 -21.26 10.28 15.75
N GLN B 86 -21.16 10.12 17.04
CA GLN B 86 -19.91 10.30 17.75
C GLN B 86 -18.86 9.37 17.22
N ASP B 87 -19.26 8.13 17.05
CA ASP B 87 -18.38 7.09 16.47
C ASP B 87 -18.00 7.31 15.01
N LEU B 88 -18.99 7.62 14.18
CA LEU B 88 -18.73 7.94 12.81
C LEU B 88 -17.75 9.10 12.63
N LEU B 89 -17.90 10.15 13.41
CA LEU B 89 -17.04 11.30 13.32
C LEU B 89 -15.60 10.98 13.72
N LEU B 90 -15.43 10.26 14.83
CA LEU B 90 -14.14 9.90 15.37
C LEU B 90 -13.45 9.02 14.44
N GLU B 91 -14.17 8.02 14.01
CA GLU B 91 -13.63 7.13 13.00
C GLU B 91 -13.18 7.80 11.73
N SER B 92 -14.03 8.66 11.16
CA SER B 92 -13.74 9.24 9.87
C SER B 92 -12.57 10.22 9.96
N ALA B 93 -12.33 10.81 11.11
CA ALA B 93 -11.31 11.81 11.31
C ALA B 93 -10.05 11.30 12.01
N PHE B 94 -10.03 10.05 12.49
CA PHE B 94 -8.95 9.63 13.33
C PHE B 94 -7.55 9.81 12.73
N LEU B 95 -7.39 9.38 11.50
CA LEU B 95 -6.10 9.30 10.88
C LEU B 95 -5.56 10.69 10.61
N GLU B 96 -6.43 11.55 10.12
CA GLU B 96 -6.16 12.96 9.98
C GLU B 96 -5.82 13.61 11.28
N LEU B 97 -6.59 13.32 12.33
CA LEU B 97 -6.29 13.93 13.61
C LEU B 97 -4.95 13.42 14.15
N PHE B 98 -4.63 12.15 13.94
CA PHE B 98 -3.41 11.55 14.47
C PHE B 98 -2.22 12.27 13.83
N ILE B 99 -2.28 12.39 12.52
CA ILE B 99 -1.21 13.00 11.78
C ILE B 99 -1.09 14.48 12.15
N LEU B 100 -2.21 15.18 12.24
CA LEU B 100 -2.16 16.60 12.44
C LEU B 100 -1.62 16.93 13.80
N ARG B 101 -2.07 16.25 14.82
CA ARG B 101 -1.59 16.53 16.15
C ARG B 101 -0.14 16.08 16.29
N LEU B 102 0.25 14.98 15.62
CA LEU B 102 1.59 14.48 15.67
C LEU B 102 2.55 15.44 15.01
N ALA B 103 2.15 16.02 13.88
CA ALA B 103 2.94 16.99 13.22
C ALA B 103 3.04 18.24 14.06
N TYR B 104 1.95 18.67 14.67
CA TYR B 104 1.92 19.91 15.42
C TYR B 104 2.83 19.82 16.64
N ARG B 105 2.81 18.67 17.32
CA ARG B 105 3.59 18.44 18.57
C ARG B 105 5.11 18.18 18.34
N SER B 106 5.44 17.60 17.19
CA SER B 106 6.73 17.03 16.96
C SER B 106 7.85 18.06 16.69
N LYS B 107 9.10 17.60 16.65
CA LYS B 107 10.19 18.55 16.45
C LYS B 107 11.02 18.10 15.31
N PRO B 108 10.62 18.49 14.09
CA PRO B 108 11.29 18.01 12.95
C PRO B 108 12.74 18.51 12.76
N GLY B 109 13.11 19.62 13.34
CA GLY B 109 14.51 20.06 13.29
C GLY B 109 15.43 19.16 14.10
N GLU B 110 14.86 18.31 14.97
CA GLU B 110 15.70 17.31 15.68
C GLU B 110 15.39 15.88 15.29
N GLY B 111 14.49 15.71 14.32
CA GLY B 111 14.02 14.39 13.93
C GLY B 111 13.22 13.67 14.98
N LYS B 112 12.62 14.41 15.87
CA LYS B 112 11.91 13.85 17.00
C LYS B 112 10.36 13.84 16.75
N LEU B 113 9.77 12.69 16.89
CA LEU B 113 8.32 12.49 16.92
C LEU B 113 7.93 12.44 18.36
N ILE B 114 6.91 13.22 18.68
CA ILE B 114 6.44 13.25 20.00
C ILE B 114 5.01 12.80 19.99
N PHE B 115 4.75 11.65 20.57
CA PHE B 115 3.42 11.08 20.54
C PHE B 115 2.59 11.55 21.72
N CYS B 116 1.28 11.28 21.70
CA CYS B 116 0.38 11.87 22.71
C CYS B 116 0.67 11.40 24.12
N SER B 117 1.28 10.25 24.25
CA SER B 117 1.62 9.78 25.59
C SER B 117 2.82 10.47 26.19
N GLY B 118 3.53 11.28 25.40
CA GLY B 118 4.76 11.87 25.86
C GLY B 118 5.93 11.11 25.33
N LEU B 119 5.67 9.93 24.78
CA LEU B 119 6.73 9.14 24.20
C LEU B 119 7.50 9.90 23.07
N VAL B 120 8.81 9.99 23.22
CA VAL B 120 9.63 10.63 22.20
C VAL B 120 10.41 9.58 21.47
N LEU B 121 10.31 9.56 20.15
CA LEU B 121 11.08 8.58 19.36
C LEU B 121 11.77 9.26 18.22
N HIS B 122 12.96 8.80 17.91
CA HIS B 122 13.67 9.38 16.80
C HIS B 122 13.10 8.83 15.47
N ARG B 123 13.28 9.62 14.40
CA ARG B 123 12.78 9.22 13.10
C ARG B 123 13.22 7.79 12.71
N LEU B 124 14.48 7.47 12.95
CA LEU B 124 15.06 6.15 12.68
C LEU B 124 14.43 5.00 13.50
N GLN B 125 13.96 5.29 14.68
CA GLN B 125 13.30 4.34 15.49
C GLN B 125 11.86 4.11 14.96
N CYS B 126 11.36 4.97 14.09
CA CYS B 126 10.00 4.77 13.62
C CYS B 126 10.02 4.20 12.23
N ALA B 127 11.19 4.20 11.62
CA ALA B 127 11.35 3.88 10.25
C ALA B 127 10.83 2.49 9.94
N ARG B 128 11.12 1.54 10.80
CA ARG B 128 10.69 0.16 10.58
C ARG B 128 9.16 -0.04 10.66
N GLY B 129 8.51 0.46 11.70
CA GLY B 129 7.07 0.22 11.86
C GLY B 129 6.28 1.02 10.84
N PHE B 130 6.67 2.25 10.63
CA PHE B 130 5.85 3.20 9.91
C PHE B 130 6.20 3.24 8.47
N GLY B 131 7.43 2.83 8.12
CA GLY B 131 7.92 2.96 6.74
C GLY B 131 8.24 4.41 6.44
N ASP B 132 8.07 4.84 5.21
CA ASP B 132 8.38 6.21 4.98
C ASP B 132 7.29 7.22 5.25
N TRP B 133 6.11 6.78 5.66
CA TRP B 133 5.05 7.66 6.16
C TRP B 133 5.54 8.57 7.25
N ILE B 134 6.32 8.03 8.17
CA ILE B 134 6.81 8.82 9.21
C ILE B 134 7.70 9.95 8.66
N ASP B 135 8.48 9.69 7.66
CA ASP B 135 9.33 10.76 7.12
C ASP B 135 8.44 11.83 6.50
N SER B 136 7.36 11.42 5.85
CA SER B 136 6.49 12.40 5.21
C SER B 136 5.70 13.17 6.27
N ILE B 137 5.49 12.58 7.43
CA ILE B 137 4.83 13.26 8.53
C ILE B 137 5.73 14.36 9.10
N LEU B 138 7.01 14.11 9.22
CA LEU B 138 7.98 15.13 9.61
C LEU B 138 8.07 16.30 8.64
N ALA B 139 8.04 16.02 7.38
CA ALA B 139 7.93 17.10 6.37
C ALA B 139 6.74 18.01 6.58
N PHE B 140 5.56 17.40 6.79
CA PHE B 140 4.33 18.11 7.05
C PHE B 140 4.40 18.87 8.32
N SER B 141 5.10 18.32 9.33
CA SER B 141 5.35 19.06 10.54
C SER B 141 6.10 20.36 10.24
N ARG B 142 7.17 20.32 9.48
CA ARG B 142 7.88 21.58 9.12
C ARG B 142 6.94 22.52 8.38
N SER B 143 6.18 21.97 7.50
CA SER B 143 5.21 22.73 6.73
C SER B 143 4.17 23.41 7.61
N LEU B 144 3.64 22.70 8.58
CA LEU B 144 2.65 23.26 9.50
C LEU B 144 3.25 24.35 10.44
N HIS B 145 4.40 24.06 11.02
CA HIS B 145 5.13 25.02 11.82
C HIS B 145 5.51 26.30 11.14
N SER B 146 5.67 26.28 9.85
CA SER B 146 6.05 27.50 9.14
C SER B 146 4.88 28.43 9.10
N LEU B 147 3.66 27.92 9.30
CA LEU B 147 2.50 28.78 9.41
C LEU B 147 2.35 29.48 10.75
N LEU B 148 3.03 28.99 11.76
CA LEU B 148 2.92 29.51 13.09
C LEU B 148 1.46 29.65 13.55
N VAL B 149 0.77 28.53 13.63
CA VAL B 149 -0.60 28.51 14.14
C VAL B 149 -0.48 28.46 15.63
N ASP B 150 -1.08 29.46 16.32
CA ASP B 150 -1.03 29.47 17.75
C ASP B 150 -2.01 28.42 18.33
N VAL B 151 -1.84 28.12 19.61
CA VAL B 151 -2.59 27.09 20.27
C VAL B 151 -4.09 27.28 20.14
N PRO B 152 -4.62 28.46 20.41
CA PRO B 152 -6.09 28.55 20.32
C PRO B 152 -6.63 28.30 18.93
N ALA B 153 -5.90 28.74 17.90
CA ALA B 153 -6.31 28.48 16.56
C ALA B 153 -6.26 26.98 16.26
N PHE B 154 -5.17 26.33 16.66
CA PHE B 154 -5.07 24.90 16.52
C PHE B 154 -6.15 24.12 17.29
N ALA B 155 -6.60 24.63 18.40
CA ALA B 155 -7.59 23.96 19.20
C ALA B 155 -8.92 23.99 18.49
N CYS B 156 -9.19 25.04 17.72
CA CYS B 156 -10.42 25.14 16.91
C CYS B 156 -10.35 24.32 15.64
N LEU B 157 -9.22 24.44 14.95
CA LEU B 157 -9.00 23.74 13.71
C LEU B 157 -9.06 22.29 13.90
N SER B 158 -8.39 21.74 14.92
CA SER B 158 -8.46 20.28 15.14
C SER B 158 -9.86 19.85 15.44
N ALA B 159 -10.60 20.60 16.19
CA ALA B 159 -12.01 20.30 16.38
C ALA B 159 -12.82 20.36 15.10
N LEU B 160 -12.48 21.27 14.17
CA LEU B 160 -13.26 21.37 12.92
C LEU B 160 -12.95 20.22 11.99
N VAL B 161 -11.80 19.60 12.15
CA VAL B 161 -11.53 18.38 11.43
C VAL B 161 -12.46 17.25 11.92
N LEU B 162 -12.75 17.22 13.20
CA LEU B 162 -13.61 16.19 13.75
C LEU B 162 -15.09 16.48 13.42
N ILE B 163 -15.51 17.69 13.65
CA ILE B 163 -16.91 18.05 13.57
C ILE B 163 -17.18 18.58 12.18
N THR B 164 -17.56 17.69 11.32
CA THR B 164 -17.72 18.05 9.96
C THR B 164 -18.71 17.11 9.35
N ASP B 165 -19.23 17.45 8.21
CA ASP B 165 -20.11 16.56 7.50
C ASP B 165 -19.45 15.18 7.17
N ARG B 166 -20.20 14.09 7.34
CA ARG B 166 -19.81 12.82 6.82
C ARG B 166 -21.04 12.10 6.29
N HIS B 167 -20.84 11.20 5.34
CA HIS B 167 -21.92 10.43 4.85
C HIS B 167 -22.30 9.46 5.94
N GLY B 168 -23.63 9.31 6.18
CA GLY B 168 -24.09 8.39 7.18
C GLY B 168 -24.36 8.97 8.54
N LEU B 169 -24.18 10.26 8.74
CA LEU B 169 -24.64 10.92 9.98
C LEU B 169 -26.16 10.84 10.16
N GLN B 170 -26.59 10.57 11.38
CA GLN B 170 -28.01 10.50 11.63
C GLN B 170 -28.53 11.94 11.76
N GLU B 171 -27.76 12.81 12.42
CA GLU B 171 -28.17 14.19 12.58
C GLU B 171 -27.15 15.16 12.02
N PRO B 172 -27.04 15.23 10.69
CA PRO B 172 -26.08 16.15 10.06
C PRO B 172 -26.27 17.58 10.43
N ARG B 173 -27.51 18.04 10.63
CA ARG B 173 -27.71 19.47 10.98
C ARG B 173 -27.19 19.84 12.36
N ARG B 174 -27.27 18.93 13.33
CA ARG B 174 -26.70 19.21 14.65
C ARG B 174 -25.19 19.31 14.52
N VAL B 175 -24.59 18.52 13.66
CA VAL B 175 -23.16 18.58 13.50
C VAL B 175 -22.77 19.91 12.83
N GLU B 176 -23.51 20.29 11.77
CA GLU B 176 -23.28 21.51 11.04
C GLU B 176 -23.43 22.70 11.98
N GLU B 177 -24.35 22.62 12.90
CA GLU B 177 -24.58 23.71 13.85
C GLU B 177 -23.38 23.88 14.77
N LEU B 178 -22.84 22.77 15.27
CA LEU B 178 -21.70 22.82 16.12
C LEU B 178 -20.47 23.24 15.32
N GLN B 179 -20.40 22.88 14.05
CA GLN B 179 -19.34 23.37 13.18
C GLN B 179 -19.42 24.86 12.97
N ASN B 180 -20.63 25.39 12.77
CA ASN B 180 -20.83 26.84 12.66
C ASN B 180 -20.28 27.52 13.89
N ARG B 181 -20.61 27.00 15.05
CA ARG B 181 -20.20 27.58 16.33
C ARG B 181 -18.68 27.57 16.49
N ILE B 182 -18.01 26.57 15.96
CA ILE B 182 -16.57 26.53 16.20
C ILE B 182 -15.85 27.43 15.20
N ALA B 183 -16.33 27.48 13.97
CA ALA B 183 -15.82 28.44 13.01
C ALA B 183 -15.99 29.89 13.54
N SER B 184 -17.15 30.24 14.07
CA SER B 184 -17.32 31.60 14.62
C SER B 184 -16.30 31.91 15.73
N CYS B 185 -16.15 30.97 16.66
CA CYS B 185 -15.18 31.08 17.73
C CYS B 185 -13.76 31.27 17.18
N LEU B 186 -13.38 30.56 16.16
CA LEU B 186 -12.05 30.68 15.62
C LEU B 186 -11.87 32.05 14.94
N LYS B 187 -12.83 32.45 14.13
CA LYS B 187 -12.76 33.71 13.37
C LYS B 187 -12.58 34.88 14.31
N GLU B 188 -13.28 34.86 15.43
CA GLU B 188 -13.22 35.93 16.41
C GLU B 188 -11.89 35.94 17.18
N HIS B 189 -11.30 34.78 17.44
CA HIS B 189 -9.94 34.71 17.99
C HIS B 189 -8.88 35.25 17.00
N VAL B 190 -8.96 34.85 15.76
CA VAL B 190 -8.12 35.35 14.73
C VAL B 190 -8.26 36.89 14.60
N ALA B 191 -9.41 37.45 14.97
CA ALA B 191 -9.61 38.90 14.97
C ALA B 191 -8.93 39.54 16.16
N ALA B 192 -9.16 38.96 17.32
CA ALA B 192 -8.58 39.44 18.53
C ALA B 192 -7.07 39.60 18.45
N VAL B 193 -6.40 38.69 17.78
CA VAL B 193 -4.98 38.72 17.76
C VAL B 193 -4.53 39.61 16.65
N ALA B 194 -5.44 39.84 15.72
CA ALA B 194 -5.19 40.73 14.61
C ALA B 194 -5.15 42.14 15.11
N GLY B 195 -6.22 42.55 15.78
CA GLY B 195 -6.35 43.93 16.24
C GLY B 195 -7.65 44.54 15.74
N CYS B 202 -3.31 32.86 8.51
CA CYS B 202 -2.97 31.78 7.59
C CYS B 202 -4.15 30.98 7.02
N LEU B 203 -5.40 31.48 7.02
CA LEU B 203 -6.52 30.60 6.64
C LEU B 203 -6.45 30.03 5.23
N SER B 204 -6.60 30.88 4.24
CA SER B 204 -6.37 30.41 2.92
C SER B 204 -5.02 29.71 2.85
N ARG B 205 -4.05 30.27 3.53
CA ARG B 205 -2.68 29.80 3.47
C ARG B 205 -2.57 28.42 4.09
N LEU B 206 -3.31 28.25 5.15
CA LEU B 206 -3.40 27.01 5.82
C LEU B 206 -4.15 25.99 4.98
N LEU B 207 -5.20 26.39 4.29
CA LEU B 207 -5.93 25.45 3.45
C LEU B 207 -5.05 24.92 2.33
N GLY B 208 -4.05 25.71 1.94
CA GLY B 208 -3.09 25.27 0.92
C GLY B 208 -2.23 24.09 1.34
N LYS B 209 -2.20 23.79 2.63
CA LYS B 209 -1.45 22.66 3.14
C LYS B 209 -2.31 21.44 3.21
N LEU B 210 -3.61 21.61 3.06
CA LEU B 210 -4.49 20.51 3.13
C LEU B 210 -4.16 19.37 2.16
N PRO B 211 -3.77 19.64 0.91
CA PRO B 211 -3.55 18.44 0.09
C PRO B 211 -2.43 17.57 0.60
N GLU B 212 -1.40 18.15 1.19
CA GLU B 212 -0.36 17.31 1.76
C GLU B 212 -0.94 16.41 2.85
N LEU B 213 -1.80 16.97 3.70
CA LEU B 213 -2.42 16.18 4.74
C LEU B 213 -3.26 15.03 4.24
N ARG B 214 -4.01 15.23 3.17
CA ARG B 214 -4.85 14.18 2.62
C ARG B 214 -4.01 13.06 2.05
N THR B 215 -2.87 13.41 1.51
CA THR B 215 -1.95 12.47 0.94
C THR B 215 -1.37 11.66 2.09
N LEU B 216 -1.10 12.29 3.23
CA LEU B 216 -0.62 11.55 4.37
C LEU B 216 -1.66 10.59 4.94
N CYS B 217 -2.94 10.92 4.86
CA CYS B 217 -3.98 10.00 5.31
C CYS B 217 -3.99 8.79 4.42
N THR B 218 -3.88 9.02 3.12
CA THR B 218 -3.72 7.94 2.18
C THR B 218 -2.51 7.04 2.45
N GLN B 219 -1.32 7.61 2.61
CA GLN B 219 -0.14 6.88 2.94
C GLN B 219 -0.36 6.02 4.18
N GLY B 220 -1.09 6.54 5.14
CA GLY B 220 -1.43 5.79 6.32
C GLY B 220 -2.23 4.57 6.00
N LEU B 221 -3.21 4.68 5.14
CA LEU B 221 -4.08 3.56 4.84
C LEU B 221 -3.23 2.54 4.08
N GLN B 222 -2.31 3.02 3.25
CA GLN B 222 -1.46 2.16 2.50
C GLN B 222 -0.54 1.40 3.41
N ARG B 223 -0.05 2.03 4.47
CA ARG B 223 0.85 1.35 5.35
C ARG B 223 0.10 0.30 6.17
N ILE B 224 -1.12 0.60 6.57
CA ILE B 224 -1.94 -0.39 7.28
C ILE B 224 -2.26 -1.58 6.38
N PHE B 225 -2.59 -1.32 5.13
CA PHE B 225 -2.82 -2.38 4.20
C PHE B 225 -1.62 -3.27 4.08
N TYR B 226 -0.45 -2.68 3.91
CA TYR B 226 0.73 -3.44 3.75
C TYR B 226 0.98 -4.29 4.99
N LEU B 227 0.85 -3.71 6.15
CA LEU B 227 1.04 -4.49 7.34
C LEU B 227 -0.06 -5.54 7.56
N LYS B 228 -1.26 -5.34 7.04
CA LYS B 228 -2.29 -6.39 7.20
C LYS B 228 -1.98 -7.55 6.26
N LEU B 229 -1.46 -7.22 5.10
CA LEU B 229 -1.06 -8.22 4.16
C LEU B 229 0.04 -9.02 4.80
N GLU B 230 0.95 -8.34 5.45
CA GLU B 230 2.10 -9.01 5.97
C GLU B 230 1.71 -9.86 7.16
N ASP B 231 0.82 -9.34 7.97
CA ASP B 231 0.23 -10.07 9.09
C ASP B 231 1.21 -10.65 10.11
N LEU B 232 2.23 -9.92 10.43
CA LEU B 232 3.11 -10.27 11.51
C LEU B 232 2.37 -10.33 12.84
N VAL B 233 1.56 -9.33 13.11
CA VAL B 233 0.71 -9.31 14.26
C VAL B 233 -0.62 -8.72 13.76
N PRO B 234 -1.73 -9.15 14.31
CA PRO B 234 -3.01 -8.64 13.81
C PRO B 234 -3.27 -7.21 14.33
N PRO B 235 -3.97 -6.37 13.57
CA PRO B 235 -4.18 -5.04 14.09
C PRO B 235 -5.23 -5.08 15.16
N PRO B 236 -5.27 -4.07 16.01
CA PRO B 236 -6.31 -3.90 17.03
C PRO B 236 -7.68 -3.79 16.37
N PRO B 237 -8.72 -4.38 16.98
CA PRO B 237 -10.02 -4.40 16.35
C PRO B 237 -10.53 -3.06 15.92
N ILE B 238 -10.39 -2.05 16.75
CA ILE B 238 -10.95 -0.79 16.37
C ILE B 238 -10.16 -0.16 15.25
N ILE B 239 -8.83 -0.33 15.24
CA ILE B 239 -8.04 0.24 14.16
C ILE B 239 -8.44 -0.40 12.90
N ASP B 240 -8.62 -1.71 12.97
CA ASP B 240 -9.05 -2.45 11.83
C ASP B 240 -10.40 -1.98 11.30
N LYS B 241 -11.32 -1.65 12.18
CA LYS B 241 -12.66 -1.29 11.73
C LYS B 241 -12.61 0.02 11.02
N ILE B 242 -11.81 0.92 11.55
CA ILE B 242 -11.64 2.21 10.92
C ILE B 242 -11.08 2.05 9.52
N PHE B 243 -10.05 1.21 9.40
CA PHE B 243 -9.45 0.92 8.11
C PHE B 243 -10.54 0.40 7.17
N MET B 244 -11.31 -0.59 7.60
CA MET B 244 -12.33 -1.16 6.71
C MET B 244 -13.45 -0.19 6.43
N ASP B 245 -13.88 0.56 7.46
CA ASP B 245 -15.01 1.44 7.30
C ASP B 245 -14.60 2.56 6.39
N THR B 246 -13.32 2.83 6.46
CA THR B 246 -12.67 3.89 5.83
C THR B 246 -12.69 3.76 4.29
N LEU B 247 -12.71 2.52 3.79
CA LEU B 247 -12.56 2.28 2.36
C LEU B 247 -13.79 2.41 1.48
N PRO B 248 -13.69 3.17 0.40
CA PRO B 248 -14.82 3.42 -0.50
C PRO B 248 -15.28 2.22 -1.33
N PHE B 249 -14.47 1.18 -1.45
CA PHE B 249 -14.99 -0.04 -2.07
C PHE B 249 -15.84 -0.82 -1.08
C1 GOL C . 7.51 -16.49 -24.94
O1 GOL C . 8.37 -15.98 -25.99
C2 GOL C . 7.16 -15.32 -24.04
O2 GOL C . 6.86 -14.18 -24.85
C3 GOL C . 5.94 -15.65 -23.20
O3 GOL C . 6.15 -14.99 -21.92
C1 GOL D . -2.28 17.69 22.00
O1 GOL D . -1.92 16.93 20.83
C2 GOL D . -1.18 18.64 22.29
O2 GOL D . 0.05 17.93 22.34
C3 GOL D . -1.42 19.19 23.66
O3 GOL D . -0.32 20.02 24.08
C1 3MX E . -10.23 22.05 8.39
C3 3MX E . -11.54 21.46 8.07
C4 3MX E . -11.61 20.48 7.10
C5 3MX E . -12.84 19.92 6.82
C6 3MX E . -13.96 20.35 7.55
C7 3MX E . -13.91 21.33 8.55
C8 3MX E . -12.65 21.88 8.79
O9 3MX E . -12.90 18.97 5.83
O10 3MX E . -15.14 19.79 7.24
O11 3MX E . -15.01 21.78 9.29
O12 3MX E . -9.86 21.95 9.54
C13 3MX E . -9.43 22.71 7.32
C14 3MX E . -8.12 23.26 7.88
C15 3MX E . -7.44 22.25 8.80
C16 3MX E . -5.96 22.55 8.84
C17 3MX E . -5.09 21.34 8.82
C18 3MX E . -4.37 21.28 7.48
C19 3MX E . -3.13 22.15 7.39
C20 3MX E . -2.87 23.12 8.54
C21 3MX E . -1.79 24.10 8.13
C1 GOL F . -26.91 23.84 9.35
O1 GOL F . -27.79 22.77 9.13
C2 GOL F . -27.75 24.72 10.25
O2 GOL F . -29.14 24.45 10.07
C3 GOL F . -27.47 24.40 11.70
O3 GOL F . -27.54 25.66 12.37
C1 GOL G . -27.24 20.16 19.29
O1 GOL G . -27.26 19.33 20.45
C2 GOL G . -25.88 20.80 19.17
O2 GOL G . -24.81 19.86 19.42
C3 GOL G . -25.93 21.44 17.80
O3 GOL G . -24.68 21.42 17.15
C1 GOL H . -9.64 9.84 9.20
O1 GOL H . -8.80 10.67 8.44
C2 GOL H . -9.25 8.39 9.10
O2 GOL H . -9.46 7.85 10.39
C3 GOL H . -10.02 7.48 8.14
O3 GOL H . -9.52 7.59 6.79
#